data_4NC5
#
_entry.id   4NC5
#
_cell.length_a   87.408
_cell.length_b   87.916
_cell.length_c   92.394
_cell.angle_alpha   90.00
_cell.angle_beta   90.00
_cell.angle_gamma   90.00
#
_symmetry.space_group_name_H-M   'C 2 2 21'
#
loop_
_entity.id
_entity.type
_entity.pdbx_description
1 polymer Sialidase-2
2 non-polymer '5-acetamido-3,5-dideoxy-3-fluoro-D-erythro-alpha-L-manno-non-2-ulopyranosonic acid'
3 non-polymer 'PHOSPHATE ION'
4 water water
#
_entity_poly.entity_id   1
_entity_poly.type   'polypeptide(L)'
_entity_poly.pdbx_seq_one_letter_code
;GSMASLPVLQKESVFQSGAHAYRIPALLYLPGQQSLLAFAEQRASKKAEHAELIVLRRGDYDAPTHQVQWQAQEVVAQAR
LDGHRSMNPCPLYDAQTGTLFLFFIAIPGQVTEQQQLQTRANVTRLCQVTSTDHGRTWSSPRDLTDAAIGPAYREWSTFA
VGPGHCLQLNDRARSLVVPAYAYRKLHPIQRPIPSAFCFLSHDHGRTWARGHFVAQDTLECQVAEVETGEQRVVTLNARS
HLRARVQAQSTNDGLDFQESQLVKKLVEPPPQGCQGSVISFPSPRSGPGSPAQWLLYTHPTHSWQRADLGAYLNPRPPAP
EAWSEPVLLAKGSCAYSDLQSMGTGPDGSPLFGCLYEANDYEEIVFLMFTLKQAFPAEYLPQ
;
_entity_poly.pdbx_strand_id   A
#
# COMPACT_ATOMS: atom_id res chain seq x y z
N SER A 5 7.72 -7.86 -22.04
CA SER A 5 8.06 -7.41 -20.65
C SER A 5 9.19 -6.36 -20.60
N LEU A 6 8.83 -5.19 -20.10
CA LEU A 6 9.71 -4.01 -19.92
C LEU A 6 11.15 -4.23 -19.49
N PRO A 7 12.09 -3.37 -19.99
CA PRO A 7 13.45 -3.38 -19.47
C PRO A 7 13.42 -2.71 -18.12
N VAL A 8 13.98 -3.36 -17.11
CA VAL A 8 14.00 -2.83 -15.76
C VAL A 8 15.44 -2.71 -15.29
N LEU A 9 15.70 -1.92 -14.25
CA LEU A 9 17.06 -1.77 -13.73
C LEU A 9 17.48 -2.94 -12.86
N GLN A 10 16.49 -3.54 -12.22
CA GLN A 10 16.75 -4.63 -11.29
C GLN A 10 15.50 -5.45 -11.12
N LYS A 11 15.70 -6.76 -11.01
CA LYS A 11 14.62 -7.67 -10.68
C LYS A 11 15.16 -8.80 -9.80
N GLU A 12 14.78 -8.80 -8.52
CA GLU A 12 15.37 -9.72 -7.51
C GLU A 12 14.36 -10.21 -6.48
N SER A 13 14.32 -11.53 -6.26
CA SER A 13 13.52 -12.10 -5.17
C SER A 13 14.18 -11.77 -3.88
N VAL A 14 13.38 -11.27 -2.96
CA VAL A 14 13.84 -10.71 -1.72
C VAL A 14 13.17 -11.46 -0.57
N PHE A 15 12.09 -12.16 -0.88
CA PHE A 15 11.46 -13.09 0.08
C PHE A 15 11.00 -14.24 -0.75
N GLN A 16 11.17 -15.46 -0.22
CA GLN A 16 10.72 -16.67 -0.90
C GLN A 16 10.32 -17.76 0.09
N SER A 17 9.42 -18.64 -0.31
CA SER A 17 9.02 -19.77 0.54
C SER A 17 10.20 -20.65 0.95
N GLY A 18 10.26 -20.95 2.25
CA GLY A 18 11.32 -21.80 2.85
C GLY A 18 10.70 -22.53 4.05
N ALA A 19 11.34 -22.40 5.22
CA ALA A 19 10.71 -22.78 6.47
C ALA A 19 9.33 -22.13 6.57
N HIS A 20 9.24 -20.86 6.18
CA HIS A 20 7.98 -20.12 6.25
C HIS A 20 7.49 -19.72 4.86
N ALA A 21 6.34 -19.05 4.84
CA ALA A 21 5.75 -18.53 3.59
C ALA A 21 5.63 -17.01 3.70
N TYR A 22 5.82 -16.31 2.59
CA TYR A 22 5.79 -14.85 2.60
C TYR A 22 4.73 -14.23 1.68
N ARG A 23 3.92 -13.36 2.24
CA ARG A 23 2.86 -12.72 1.48
C ARG A 23 2.66 -11.36 2.05
N ILE A 24 1.96 -10.52 1.28
CA ILE A 24 1.53 -9.17 1.68
C ILE A 24 2.68 -8.18 1.76
N PRO A 25 3.15 -7.71 0.60
CA PRO A 25 4.33 -6.85 0.65
C PRO A 25 4.02 -5.40 1.00
N ALA A 26 4.95 -4.78 1.73
CA ALA A 26 4.91 -3.35 1.85
C ALA A 26 6.30 -2.72 1.63
N LEU A 27 6.30 -1.57 0.97
CA LEU A 27 7.55 -0.97 0.57
C LEU A 27 7.63 0.46 1.02
N LEU A 28 8.75 0.78 1.64
CA LEU A 28 9.01 2.16 2.07
C LEU A 28 10.36 2.73 1.60
N TYR A 29 10.31 3.85 0.88
CA TYR A 29 11.53 4.62 0.52
C TYR A 29 11.91 5.63 1.58
N LEU A 30 13.18 5.66 1.98
CA LEU A 30 13.66 6.70 2.94
C LEU A 30 14.63 7.63 2.24
N PRO A 31 14.10 8.77 1.74
CA PRO A 31 14.79 9.69 0.79
C PRO A 31 16.20 10.14 1.21
N GLY A 32 16.32 10.70 2.42
CA GLY A 32 17.61 11.13 2.88
C GLY A 32 18.63 9.98 2.99
N GLN A 33 18.17 8.76 2.83
CA GLN A 33 19.01 7.63 3.20
C GLN A 33 19.42 6.74 2.04
N GLN A 34 19.00 7.12 0.84
CA GLN A 34 19.02 6.25 -0.33
C GLN A 34 18.61 4.80 -0.01
N SER A 35 17.71 4.60 0.96
CA SER A 35 17.33 3.26 1.38
C SER A 35 15.84 2.87 1.29
N LEU A 36 15.62 1.56 1.18
CA LEU A 36 14.30 1.01 1.14
C LEU A 36 14.13 0.00 2.23
N LEU A 37 12.92 -0.02 2.78
CA LEU A 37 12.50 -1.07 3.70
C LEU A 37 11.45 -1.88 3.02
N ALA A 38 11.70 -3.18 2.86
CA ALA A 38 10.72 -4.12 2.32
C ALA A 38 10.12 -4.92 3.46
N PHE A 39 8.80 -4.79 3.68
CA PHE A 39 8.11 -5.64 4.70
C PHE A 39 7.23 -6.74 4.08
N ALA A 40 6.96 -7.80 4.86
CA ALA A 40 6.03 -8.89 4.47
C ALA A 40 5.43 -9.61 5.67
N GLU A 41 4.35 -10.36 5.47
CA GLU A 41 3.95 -11.34 6.48
C GLU A 41 4.81 -12.59 6.34
N GLN A 42 5.38 -13.04 7.44
CA GLN A 42 5.94 -14.38 7.57
C GLN A 42 4.80 -15.26 8.12
N ARG A 43 4.43 -16.31 7.39
CA ARG A 43 3.43 -17.26 7.89
C ARG A 43 3.96 -18.67 8.07
N ALA A 44 3.38 -19.38 9.03
CA ALA A 44 3.57 -20.82 9.25
C ALA A 44 3.37 -21.56 7.93
N ALA A 51 -1.21 -15.97 9.94
CA ALA A 51 -0.43 -14.80 9.57
C ALA A 51 0.78 -14.50 10.49
N GLU A 52 0.97 -15.30 11.55
CA GLU A 52 2.04 -15.13 12.53
C GLU A 52 2.70 -13.73 12.63
N LEU A 53 3.91 -13.55 12.06
CA LEU A 53 4.66 -12.31 12.28
C LEU A 53 4.96 -11.46 11.05
N ILE A 54 5.51 -10.27 11.30
CA ILE A 54 6.00 -9.39 10.22
C ILE A 54 7.54 -9.31 10.15
N VAL A 55 8.09 -9.53 8.96
CA VAL A 55 9.54 -9.43 8.73
C VAL A 55 9.93 -8.18 7.93
N LEU A 56 11.20 -7.82 8.02
CA LEU A 56 11.75 -6.65 7.35
C LEU A 56 13.09 -6.93 6.67
N ARG A 57 13.29 -6.39 5.47
CA ARG A 57 14.62 -6.33 4.80
C ARG A 57 14.93 -4.88 4.41
N ARG A 58 16.10 -4.39 4.82
CA ARG A 58 16.60 -3.05 4.43
C ARG A 58 17.48 -3.17 3.20
N GLY A 59 17.30 -2.24 2.24
CA GLY A 59 18.12 -2.24 1.01
C GLY A 59 18.76 -0.90 0.69
N ASP A 60 20.08 -0.89 0.45
CA ASP A 60 20.79 0.35 0.12
C ASP A 60 20.89 0.50 -1.39
N TYR A 61 20.31 1.60 -1.90
CA TYR A 61 20.27 1.92 -3.33
C TYR A 61 21.52 2.66 -3.84
N ASP A 62 22.29 1.99 -4.68
N ASP A 62 22.34 1.95 -4.61
CA ASP A 62 23.51 2.57 -5.23
CA ASP A 62 23.50 2.56 -5.27
C ASP A 62 23.33 2.83 -6.72
C ASP A 62 23.15 2.80 -6.72
N ALA A 63 22.94 4.08 -7.05
CA ALA A 63 22.59 4.49 -8.42
C ALA A 63 23.66 4.21 -9.50
N PRO A 64 24.97 4.45 -9.21
CA PRO A 64 25.93 4.20 -10.31
C PRO A 64 25.98 2.74 -10.75
N THR A 65 25.74 1.81 -9.83
CA THR A 65 25.60 0.38 -10.20
C THR A 65 24.18 -0.03 -10.60
N HIS A 66 23.25 0.92 -10.63
CA HIS A 66 21.82 0.68 -10.93
C HIS A 66 21.26 -0.47 -10.05
N GLN A 67 21.61 -0.49 -8.76
CA GLN A 67 21.28 -1.63 -7.90
C GLN A 67 20.95 -1.30 -6.42
N VAL A 68 19.98 -2.02 -5.85
CA VAL A 68 19.71 -2.01 -4.40
C VAL A 68 20.33 -3.26 -3.78
N GLN A 69 21.14 -3.13 -2.74
CA GLN A 69 21.66 -4.30 -2.06
C GLN A 69 20.88 -4.53 -0.77
N TRP A 70 20.27 -5.70 -0.64
CA TRP A 70 19.39 -6.00 0.45
C TRP A 70 20.12 -6.68 1.60
N GLN A 71 20.01 -6.09 2.77
CA GLN A 71 20.52 -6.67 4.01
C GLN A 71 19.68 -7.89 4.43
N ALA A 72 19.99 -8.45 5.60
CA ALA A 72 19.37 -9.70 5.99
C ALA A 72 17.95 -9.47 6.52
N GLN A 73 17.11 -10.47 6.29
CA GLN A 73 15.76 -10.58 6.84
C GLN A 73 15.77 -10.58 8.36
N GLU A 74 14.89 -9.76 8.93
CA GLU A 74 14.72 -9.73 10.38
C GLU A 74 13.28 -9.54 10.82
N VAL A 75 12.88 -10.31 11.81
CA VAL A 75 11.56 -10.20 12.43
C VAL A 75 11.44 -8.84 13.09
N VAL A 76 10.31 -8.18 12.90
CA VAL A 76 10.04 -6.99 13.67
C VAL A 76 9.36 -7.47 14.94
N ALA A 77 10.20 -7.86 15.90
CA ALA A 77 9.77 -8.47 17.17
C ALA A 77 8.66 -7.72 17.90
N GLN A 78 8.67 -6.39 17.86
CA GLN A 78 7.73 -5.58 18.62
C GLN A 78 6.35 -5.49 17.99
N ALA A 79 6.28 -5.83 16.71
CA ALA A 79 5.06 -5.63 15.95
C ALA A 79 4.15 -6.85 16.11
N ARG A 80 3.69 -7.05 17.34
CA ARG A 80 2.99 -8.26 17.77
C ARG A 80 2.23 -7.97 19.06
N LEU A 81 1.13 -8.67 19.29
CA LEU A 81 0.46 -8.71 20.60
C LEU A 81 0.52 -10.14 21.12
N ASP A 82 0.51 -10.32 22.44
CA ASP A 82 0.46 -11.67 23.00
C ASP A 82 -0.75 -12.40 22.46
N GLY A 83 -0.54 -13.65 22.06
CA GLY A 83 -1.60 -14.49 21.54
C GLY A 83 -2.26 -14.05 20.25
N HIS A 84 -1.77 -12.98 19.62
CA HIS A 84 -2.29 -12.55 18.31
C HIS A 84 -1.30 -12.79 17.15
N ARG A 85 -1.88 -12.96 15.96
CA ARG A 85 -1.13 -12.95 14.70
C ARG A 85 -1.14 -11.50 14.16
N SER A 86 0.02 -11.04 13.67
CA SER A 86 0.19 -9.71 13.07
C SER A 86 0.11 -9.78 11.56
N MET A 87 -0.68 -8.89 10.98
CA MET A 87 -0.76 -8.85 9.54
C MET A 87 -0.97 -7.48 8.95
N ASN A 88 -0.84 -7.38 7.63
CA ASN A 88 -1.11 -6.13 6.90
C ASN A 88 -0.16 -4.95 7.22
N PRO A 89 1.16 -5.15 7.07
CA PRO A 89 2.09 -4.02 7.37
C PRO A 89 1.80 -2.75 6.54
N CYS A 90 1.56 -1.59 7.18
CA CYS A 90 1.41 -0.25 6.49
CA CYS A 90 1.44 -0.32 6.52
C CYS A 90 2.49 0.66 7.01
N PRO A 91 3.63 0.73 6.32
CA PRO A 91 4.64 1.68 6.79
C PRO A 91 4.37 3.10 6.31
N LEU A 92 4.85 4.07 7.09
CA LEU A 92 4.86 5.51 6.71
C LEU A 92 6.08 6.18 7.30
N TYR A 93 6.70 7.06 6.53
CA TYR A 93 7.72 7.96 7.11
C TYR A 93 7.17 9.37 7.41
N ASP A 94 7.24 9.78 8.66
CA ASP A 94 6.89 11.16 9.04
C ASP A 94 8.08 12.09 8.79
N ALA A 95 7.99 12.86 7.71
CA ALA A 95 9.11 13.69 7.24
C ALA A 95 9.27 14.93 8.11
N GLN A 96 8.22 15.26 8.86
CA GLN A 96 8.28 16.34 9.83
C GLN A 96 8.97 15.91 11.15
N THR A 97 8.79 14.66 11.57
CA THR A 97 9.38 14.20 12.83
C THR A 97 10.57 13.24 12.69
N GLY A 98 10.94 12.84 11.48
CA GLY A 98 12.02 11.82 11.33
C GLY A 98 11.65 10.43 11.88
N THR A 99 10.38 10.28 12.25
CA THR A 99 9.82 9.04 12.78
C THR A 99 9.29 8.07 11.70
N LEU A 100 9.59 6.79 11.90
CA LEU A 100 9.03 5.74 11.07
C LEU A 100 7.84 5.03 11.77
N PHE A 101 6.68 4.99 11.10
CA PHE A 101 5.48 4.31 11.61
C PHE A 101 5.29 2.96 10.92
N LEU A 102 4.92 1.93 11.66
CA LEU A 102 4.45 0.71 11.02
C LEU A 102 3.12 0.33 11.63
N PHE A 103 2.06 0.49 10.84
CA PHE A 103 0.71 0.15 11.28
C PHE A 103 0.41 -1.28 10.91
N PHE A 104 -0.50 -1.94 11.62
CA PHE A 104 -0.73 -3.35 11.36
C PHE A 104 -1.88 -3.84 12.17
N ILE A 105 -2.37 -5.01 11.76
CA ILE A 105 -3.52 -5.67 12.34
C ILE A 105 -3.08 -6.85 13.20
N ALA A 106 -3.60 -6.86 14.43
CA ALA A 106 -3.47 -7.99 15.36
C ALA A 106 -4.83 -8.71 15.56
N ILE A 107 -4.79 -10.03 15.35
CA ILE A 107 -5.96 -10.91 15.37
C ILE A 107 -5.62 -12.14 16.23
N PRO A 108 -6.52 -12.54 17.14
CA PRO A 108 -6.32 -13.66 18.07
C PRO A 108 -5.79 -14.93 17.39
N GLY A 109 -4.93 -15.66 18.12
CA GLY A 109 -4.32 -16.89 17.62
C GLY A 109 -5.36 -17.92 17.21
N GLN A 110 -6.38 -18.10 18.06
CA GLN A 110 -7.46 -19.11 17.84
C GLN A 110 -8.32 -18.94 16.57
N VAL A 111 -7.78 -18.31 15.52
CA VAL A 111 -8.55 -17.98 14.32
C VAL A 111 -7.79 -18.36 13.04
N ARG A 120 -18.00 -13.72 13.75
CA ARG A 120 -19.15 -12.82 13.89
C ARG A 120 -18.82 -11.53 14.64
N ALA A 121 -18.29 -11.67 15.85
CA ALA A 121 -17.97 -10.51 16.72
C ALA A 121 -16.56 -10.00 16.43
N ASN A 122 -16.43 -8.66 16.34
CA ASN A 122 -15.13 -8.01 16.05
C ASN A 122 -14.10 -8.32 17.15
N VAL A 123 -13.02 -8.99 16.77
CA VAL A 123 -11.90 -9.23 17.69
C VAL A 123 -10.57 -8.68 17.10
N THR A 124 -10.66 -7.94 16.01
CA THR A 124 -9.49 -7.39 15.30
C THR A 124 -8.92 -6.11 15.96
N ARG A 125 -7.60 -6.04 16.06
CA ARG A 125 -6.96 -4.94 16.78
C ARG A 125 -6.15 -4.11 15.81
N LEU A 126 -6.22 -2.77 15.95
CA LEU A 126 -5.34 -1.81 15.25
C LEU A 126 -4.06 -1.46 16.03
N CYS A 127 -2.94 -1.46 15.36
CA CYS A 127 -1.69 -1.36 16.09
C CYS A 127 -0.67 -0.52 15.36
N GLN A 128 0.19 0.12 16.14
CA GLN A 128 1.34 0.81 15.57
C GLN A 128 2.59 0.55 16.41
N VAL A 129 3.72 0.39 15.72
CA VAL A 129 5.04 0.54 16.37
C VAL A 129 5.81 1.65 15.65
N THR A 130 6.70 2.32 16.38
CA THR A 130 7.54 3.36 15.77
C THR A 130 9.05 3.08 15.90
N SER A 131 9.80 3.65 14.97
CA SER A 131 11.25 3.57 14.98
C SER A 131 11.77 4.96 14.75
N THR A 132 12.83 5.32 15.48
CA THR A 132 13.55 6.57 15.14
C THR A 132 14.97 6.30 14.64
N ASP A 133 15.31 5.05 14.35
CA ASP A 133 16.62 4.79 13.75
C ASP A 133 16.46 4.13 12.39
N HIS A 134 15.48 4.63 11.65
CA HIS A 134 15.15 4.13 10.31
C HIS A 134 14.93 2.62 10.26
N GLY A 135 14.24 2.06 11.26
CA GLY A 135 13.80 0.67 11.21
C GLY A 135 14.69 -0.34 11.91
N ARG A 136 15.83 0.09 12.42
CA ARG A 136 16.80 -0.81 13.07
C ARG A 136 16.21 -1.33 14.38
N THR A 137 15.63 -0.43 15.17
CA THR A 137 14.89 -0.84 16.36
C THR A 137 13.52 -0.15 16.44
N TRP A 138 12.65 -0.70 17.27
CA TRP A 138 11.21 -0.36 17.29
C TRP A 138 10.65 -0.19 18.69
N SER A 139 9.80 0.81 18.91
CA SER A 139 9.13 0.96 20.17
C SER A 139 8.18 -0.22 20.33
N SER A 140 7.66 -0.41 21.54
CA SER A 140 6.68 -1.44 21.74
C SER A 140 5.32 -0.95 21.16
N PRO A 141 4.40 -1.89 20.88
CA PRO A 141 3.16 -1.56 20.13
C PRO A 141 2.19 -0.68 20.91
N ARG A 142 1.52 0.23 20.21
CA ARG A 142 0.36 0.92 20.76
C ARG A 142 -0.91 0.34 20.13
N ASP A 143 -1.90 -0.01 20.97
CA ASP A 143 -3.19 -0.51 20.49
C ASP A 143 -4.12 0.70 20.28
N LEU A 144 -4.42 1.00 19.02
CA LEU A 144 -5.12 2.23 18.70
C LEU A 144 -6.63 2.03 18.59
N THR A 145 -7.01 0.75 18.64
CA THR A 145 -8.37 0.29 18.41
C THR A 145 -9.51 1.17 18.95
N ASP A 146 -9.60 1.34 20.26
CA ASP A 146 -10.78 1.97 20.85
C ASP A 146 -10.87 3.42 20.52
N ALA A 147 -9.73 4.08 20.65
CA ALA A 147 -9.64 5.49 20.46
C ALA A 147 -9.84 5.76 18.96
N ALA A 148 -9.27 4.91 18.12
CA ALA A 148 -9.32 5.21 16.70
C ALA A 148 -10.71 4.98 16.05
N ILE A 149 -11.48 4.05 16.61
CA ILE A 149 -12.67 3.56 15.95
C ILE A 149 -13.95 3.94 16.69
N GLY A 150 -13.90 3.85 18.00
CA GLY A 150 -15.06 4.14 18.83
C GLY A 150 -16.19 3.13 18.68
N PRO A 151 -17.43 3.57 18.99
CA PRO A 151 -18.66 2.78 18.94
C PRO A 151 -18.81 1.90 17.68
N ALA A 152 -18.46 2.44 16.52
CA ALA A 152 -18.51 1.69 15.26
C ALA A 152 -17.90 0.30 15.40
N TYR A 153 -16.83 0.20 16.20
CA TYR A 153 -16.17 -1.10 16.35
C TYR A 153 -17.22 -2.23 16.36
N ARG A 154 -18.37 -1.96 16.98
CA ARG A 154 -19.35 -3.01 17.26
C ARG A 154 -20.19 -3.37 16.04
N GLU A 155 -20.25 -2.47 15.06
CA GLU A 155 -21.06 -2.64 13.87
C GLU A 155 -20.30 -3.28 12.70
N TRP A 156 -19.09 -3.77 12.99
CA TRP A 156 -18.20 -4.44 12.02
C TRP A 156 -17.86 -5.84 12.49
N SER A 157 -17.54 -6.74 11.55
CA SER A 157 -17.05 -8.06 11.96
C SER A 157 -15.54 -8.13 11.94
N THR A 158 -14.92 -7.26 11.15
CA THR A 158 -13.48 -7.10 11.12
C THR A 158 -13.08 -5.92 10.22
N PHE A 159 -11.79 -5.60 10.21
CA PHE A 159 -11.31 -4.52 9.35
C PHE A 159 -9.84 -4.76 9.10
N ALA A 160 -9.29 -4.03 8.16
CA ALA A 160 -7.87 -4.14 7.93
C ALA A 160 -7.28 -2.78 7.58
N VAL A 161 -5.96 -2.66 7.65
CA VAL A 161 -5.32 -1.47 7.10
C VAL A 161 -4.41 -1.87 5.99
N GLY A 162 -4.38 -1.01 4.98
CA GLY A 162 -3.54 -1.23 3.82
C GLY A 162 -4.02 -2.46 3.09
N PRO A 163 -3.10 -3.40 2.78
CA PRO A 163 -1.67 -3.29 3.13
C PRO A 163 -0.93 -2.35 2.18
N GLY A 164 0.29 -1.99 2.57
CA GLY A 164 1.18 -1.15 1.73
C GLY A 164 1.49 0.20 2.35
N HIS A 165 2.36 0.97 1.70
CA HIS A 165 2.68 2.32 2.16
C HIS A 165 1.39 3.13 2.47
N CYS A 166 1.48 4.03 3.45
CA CYS A 166 0.43 5.00 3.66
C CYS A 166 0.90 6.38 3.19
N LEU A 167 0.19 7.44 3.57
CA LEU A 167 0.43 8.77 3.00
C LEU A 167 0.58 9.85 4.10
N GLN A 168 1.48 10.82 3.90
CA GLN A 168 1.57 12.00 4.76
C GLN A 168 1.28 13.22 3.88
N LEU A 169 0.28 14.04 4.21
CA LEU A 169 -0.04 15.18 3.33
C LEU A 169 0.93 16.33 3.58
N ASN A 170 0.96 17.27 2.66
CA ASN A 170 1.68 18.52 2.86
C ASN A 170 0.71 19.65 3.28
N ASP A 171 -0.38 19.31 3.98
CA ASP A 171 -1.26 20.30 4.63
C ASP A 171 -0.47 20.95 5.78
N ARG A 172 -1.07 21.89 6.49
CA ARG A 172 -0.38 22.59 7.56
C ARG A 172 0.13 21.59 8.61
N ALA A 173 -0.75 20.74 9.09
CA ALA A 173 -0.43 19.79 10.15
C ALA A 173 0.38 18.57 9.70
N ARG A 174 0.71 18.48 8.41
CA ARG A 174 1.40 17.30 7.87
C ARG A 174 0.71 15.97 8.28
N SER A 175 -0.60 15.91 8.05
CA SER A 175 -1.48 14.83 8.49
C SER A 175 -1.06 13.45 8.00
N LEU A 176 -1.36 12.42 8.79
CA LEU A 176 -1.09 11.07 8.33
C LEU A 176 -2.39 10.41 7.90
N VAL A 177 -2.35 9.75 6.74
CA VAL A 177 -3.51 9.07 6.16
C VAL A 177 -3.17 7.59 5.99
N VAL A 178 -3.94 6.76 6.68
CA VAL A 178 -3.73 5.31 6.70
C VAL A 178 -4.96 4.72 6.05
N PRO A 179 -4.77 4.20 4.82
CA PRO A 179 -5.89 3.67 4.04
C PRO A 179 -6.37 2.39 4.73
N ALA A 180 -7.67 2.11 4.64
CA ALA A 180 -8.25 1.00 5.41
C ALA A 180 -9.54 0.51 4.80
N TYR A 181 -10.06 -0.62 5.29
CA TYR A 181 -11.44 -1.00 4.99
C TYR A 181 -12.07 -1.75 6.16
N ALA A 182 -13.40 -1.71 6.21
CA ALA A 182 -14.17 -2.35 7.26
C ALA A 182 -15.29 -3.24 6.67
N TYR A 183 -15.50 -4.41 7.27
CA TYR A 183 -16.66 -5.23 6.93
C TYR A 183 -17.84 -4.80 7.76
N ARG A 184 -18.80 -4.13 7.17
CA ARG A 184 -19.90 -3.62 8.00
C ARG A 184 -21.07 -4.61 8.10
N LYS A 185 -21.65 -4.73 9.29
CA LYS A 185 -22.87 -5.53 9.47
C LYS A 185 -24.03 -4.61 9.19
N LEU A 186 -24.37 -4.42 7.92
CA LEU A 186 -25.37 -3.41 7.56
C LEU A 186 -26.81 -3.91 7.60
N HIS A 187 -27.02 -5.19 7.29
CA HIS A 187 -28.36 -5.78 7.36
C HIS A 187 -28.26 -7.17 7.95
N PRO A 188 -29.29 -7.58 8.71
CA PRO A 188 -29.20 -8.85 9.44
C PRO A 188 -29.14 -10.09 8.52
N ILE A 189 -29.90 -10.10 7.42
CA ILE A 189 -29.85 -11.20 6.42
C ILE A 189 -28.61 -11.24 5.51
N GLN A 190 -27.95 -10.10 5.31
CA GLN A 190 -26.78 -10.03 4.42
C GLN A 190 -25.52 -10.31 5.20
N ARG A 191 -24.55 -10.91 4.53
CA ARG A 191 -23.19 -10.97 5.07
C ARG A 191 -22.58 -9.55 5.29
N PRO A 192 -21.56 -9.44 6.15
CA PRO A 192 -20.98 -8.10 6.31
C PRO A 192 -20.48 -7.57 4.98
N ILE A 193 -20.73 -6.28 4.72
CA ILE A 193 -20.31 -5.65 3.46
C ILE A 193 -19.06 -4.73 3.62
N PRO A 194 -18.03 -4.94 2.78
CA PRO A 194 -16.79 -4.13 2.98
C PRO A 194 -16.90 -2.69 2.44
N SER A 195 -16.32 -1.72 3.17
CA SER A 195 -16.09 -0.35 2.60
C SER A 195 -14.73 0.25 2.98
N ALA A 196 -14.05 0.76 1.97
CA ALA A 196 -12.80 1.48 2.16
C ALA A 196 -13.04 2.77 2.92
N PHE A 197 -12.04 3.20 3.64
CA PHE A 197 -12.06 4.48 4.32
C PHE A 197 -10.61 4.74 4.78
N CYS A 198 -10.35 5.92 5.33
CA CYS A 198 -9.04 6.24 5.92
C CYS A 198 -9.11 6.60 7.40
N PHE A 199 -8.08 6.17 8.12
CA PHE A 199 -7.74 6.74 9.41
C PHE A 199 -6.87 7.99 9.22
N LEU A 200 -7.24 9.05 9.94
CA LEU A 200 -6.57 10.34 9.88
C LEU A 200 -5.99 10.77 11.22
N SER A 201 -4.79 11.32 11.20
CA SER A 201 -4.17 12.00 12.37
C SER A 201 -3.64 13.37 11.97
N HIS A 202 -3.80 14.36 12.85
CA HIS A 202 -3.27 15.70 12.54
C HIS A 202 -2.17 16.11 13.46
N ASP A 203 -1.99 15.32 14.51
CA ASP A 203 -0.94 15.52 15.50
C ASP A 203 0.12 14.42 15.41
N HIS A 204 0.53 14.06 14.19
CA HIS A 204 1.64 13.09 13.98
C HIS A 204 1.48 11.71 14.64
N GLY A 205 0.25 11.17 14.59
CA GLY A 205 -0.03 9.83 15.04
C GLY A 205 -0.14 9.69 16.55
N ARG A 206 -0.55 10.76 17.22
CA ARG A 206 -0.87 10.65 18.63
C ARG A 206 -2.37 10.42 18.83
N THR A 207 -3.20 11.13 18.08
CA THR A 207 -4.62 10.87 18.04
C THR A 207 -5.06 10.50 16.62
N TRP A 208 -6.09 9.66 16.55
CA TRP A 208 -6.62 9.14 15.31
C TRP A 208 -8.12 9.37 15.22
N ALA A 209 -8.58 9.68 14.02
CA ALA A 209 -10.00 9.73 13.68
C ALA A 209 -10.22 8.76 12.54
N ARG A 210 -11.44 8.24 12.46
CA ARG A 210 -11.92 7.34 11.43
C ARG A 210 -12.64 8.19 10.37
N GLY A 211 -12.16 8.22 9.14
CA GLY A 211 -12.86 8.97 8.11
C GLY A 211 -14.12 8.26 7.62
N HIS A 212 -14.91 8.96 6.82
CA HIS A 212 -16.12 8.37 6.29
C HIS A 212 -15.86 7.34 5.18
N PHE A 213 -16.73 6.33 5.14
CA PHE A 213 -16.68 5.22 4.20
C PHE A 213 -16.81 5.68 2.76
N VAL A 214 -16.25 4.93 1.81
CA VAL A 214 -16.40 5.34 0.41
C VAL A 214 -17.67 4.81 -0.31
N ALA A 215 -17.91 3.50 -0.24
CA ALA A 215 -19.02 2.89 -0.97
C ALA A 215 -18.95 1.40 -0.80
N GLN A 216 -20.10 0.78 -0.90
CA GLN A 216 -20.26 -0.63 -0.61
C GLN A 216 -19.38 -1.46 -1.53
N ASP A 217 -18.89 -2.58 -1.01
CA ASP A 217 -18.07 -3.51 -1.79
C ASP A 217 -16.82 -2.81 -2.32
N THR A 218 -16.07 -2.19 -1.41
CA THR A 218 -14.69 -1.85 -1.68
C THR A 218 -13.84 -2.45 -0.58
N LEU A 219 -12.66 -2.93 -0.95
CA LEU A 219 -11.76 -3.55 -0.01
C LEU A 219 -10.43 -2.80 0.07
N GLU A 220 -9.34 -3.55 0.03
CA GLU A 220 -8.00 -3.02 0.18
C GLU A 220 -7.78 -1.84 -0.72
N CYS A 221 -7.36 -0.75 -0.10
CA CYS A 221 -7.10 0.45 -0.88
C CYS A 221 -5.75 1.07 -0.55
N GLN A 222 -5.38 2.04 -1.40
CA GLN A 222 -4.24 2.92 -1.16
C GLN A 222 -4.58 4.34 -1.61
N VAL A 223 -3.89 5.30 -1.00
CA VAL A 223 -4.19 6.72 -1.22
C VAL A 223 -2.93 7.41 -1.66
N ALA A 224 -3.10 8.43 -2.49
CA ALA A 224 -2.02 9.34 -2.90
C ALA A 224 -2.56 10.77 -2.94
N GLU A 225 -1.67 11.75 -2.73
CA GLU A 225 -2.03 13.16 -2.85
C GLU A 225 -1.68 13.72 -4.23
N VAL A 226 -2.55 14.56 -4.79
CA VAL A 226 -2.19 15.42 -5.95
C VAL A 226 -2.67 16.88 -5.78
N GLU A 227 -1.81 17.84 -6.14
CA GLU A 227 -2.19 19.25 -6.18
C GLU A 227 -2.46 19.59 -7.64
N THR A 228 -3.61 20.21 -7.88
CA THR A 228 -4.22 20.35 -9.22
C THR A 228 -5.68 19.91 -9.20
N GLN A 231 -4.52 23.60 -3.73
CA GLN A 231 -5.67 22.78 -4.15
C GLN A 231 -5.37 21.25 -4.00
N ARG A 232 -5.64 20.73 -2.80
CA ARG A 232 -5.23 19.38 -2.37
C ARG A 232 -6.27 18.29 -2.64
N VAL A 233 -5.88 17.20 -3.30
CA VAL A 233 -6.79 16.07 -3.58
C VAL A 233 -6.18 14.73 -3.11
N VAL A 234 -6.91 14.03 -2.25
CA VAL A 234 -6.55 12.67 -1.91
C VAL A 234 -7.24 11.72 -2.86
N THR A 235 -6.46 10.96 -3.61
CA THR A 235 -7.02 9.93 -4.46
C THR A 235 -6.87 8.60 -3.75
N LEU A 236 -7.92 7.79 -3.85
CA LEU A 236 -7.97 6.48 -3.25
C LEU A 236 -8.36 5.51 -4.34
N ASN A 237 -7.68 4.37 -4.34
CA ASN A 237 -7.89 3.36 -5.36
C ASN A 237 -8.14 2.04 -4.66
N ALA A 238 -9.34 1.50 -4.85
CA ALA A 238 -9.81 0.37 -4.04
C ALA A 238 -10.12 -0.87 -4.85
N ARG A 239 -9.82 -2.02 -4.24
CA ARG A 239 -10.25 -3.32 -4.74
C ARG A 239 -11.78 -3.42 -4.77
N SER A 240 -12.33 -4.14 -5.73
CA SER A 240 -13.78 -4.23 -5.85
C SER A 240 -14.23 -5.69 -5.96
N HIS A 241 -15.54 -5.92 -5.80
CA HIS A 241 -16.14 -7.24 -6.10
C HIS A 241 -16.49 -7.33 -7.59
N LEU A 242 -16.55 -6.16 -8.25
CA LEU A 242 -16.87 -5.97 -9.66
C LEU A 242 -15.67 -6.18 -10.61
N ARG A 243 -15.86 -6.02 -11.92
CA ARG A 243 -14.81 -6.30 -12.89
C ARG A 243 -13.78 -5.14 -13.04
N ALA A 244 -14.06 -4.04 -12.37
CA ALA A 244 -13.20 -2.88 -12.41
C ALA A 244 -12.99 -2.32 -11.02
N ARG A 245 -11.96 -1.47 -10.92
CA ARG A 245 -11.62 -0.72 -9.72
C ARG A 245 -12.62 0.40 -9.38
N VAL A 246 -12.57 0.76 -8.11
CA VAL A 246 -13.30 1.87 -7.59
C VAL A 246 -12.27 2.93 -7.18
N GLN A 247 -12.49 4.15 -7.66
CA GLN A 247 -11.59 5.27 -7.42
C GLN A 247 -12.44 6.36 -6.78
N ALA A 248 -11.89 7.03 -5.77
CA ALA A 248 -12.65 8.02 -5.05
C ALA A 248 -11.74 9.18 -4.69
N GLN A 249 -12.35 10.35 -4.48
CA GLN A 249 -11.58 11.55 -4.20
C GLN A 249 -12.08 12.32 -3.00
N SER A 250 -11.12 12.77 -2.18
CA SER A 250 -11.37 13.69 -1.08
C SER A 250 -10.73 15.05 -1.34
N THR A 251 -11.44 16.11 -0.97
CA THR A 251 -10.90 17.47 -1.01
C THR A 251 -10.74 18.03 0.39
N ASN A 252 -11.07 17.22 1.39
CA ASN A 252 -10.90 17.59 2.78
C ASN A 252 -10.02 16.62 3.49
N ASP A 253 -8.95 16.20 2.81
CA ASP A 253 -7.85 15.49 3.43
C ASP A 253 -8.23 14.10 3.87
N GLY A 254 -9.22 13.50 3.20
CA GLY A 254 -9.56 12.10 3.47
C GLY A 254 -10.68 11.88 4.46
N LEU A 255 -11.33 12.95 4.91
CA LEU A 255 -12.49 12.77 5.78
C LEU A 255 -13.69 12.29 4.96
N ASP A 256 -13.93 12.92 3.81
CA ASP A 256 -15.00 12.49 2.95
C ASP A 256 -14.43 12.20 1.60
N PHE A 257 -14.89 11.09 1.01
CA PHE A 257 -14.58 10.75 -0.36
C PHE A 257 -15.84 10.98 -1.17
N GLN A 258 -16.13 12.28 -1.26
CA GLN A 258 -17.23 12.88 -1.99
C GLN A 258 -17.62 12.24 -3.35
N GLU A 259 -16.67 12.07 -4.28
CA GLU A 259 -16.94 11.38 -5.55
C GLU A 259 -16.31 10.01 -5.51
N SER A 260 -16.88 9.11 -6.32
CA SER A 260 -16.55 7.70 -6.35
C SER A 260 -17.03 7.13 -7.69
N GLN A 261 -16.19 6.38 -8.38
CA GLN A 261 -16.67 5.60 -9.52
C GLN A 261 -15.81 4.43 -9.91
N LEU A 262 -16.44 3.48 -10.60
CA LEU A 262 -15.77 2.44 -11.33
C LEU A 262 -14.90 2.98 -12.46
N VAL A 263 -13.74 2.32 -12.68
CA VAL A 263 -12.75 2.74 -13.64
C VAL A 263 -12.53 1.55 -14.58
N LYS A 264 -13.27 1.53 -15.69
CA LYS A 264 -13.31 0.32 -16.53
C LYS A 264 -11.92 -0.12 -17.03
N LYS A 265 -11.02 0.84 -17.26
CA LYS A 265 -9.66 0.59 -17.76
C LYS A 265 -8.78 -0.20 -16.78
N LEU A 266 -9.07 -0.09 -15.48
CA LEU A 266 -8.32 -0.78 -14.45
C LEU A 266 -9.07 -2.05 -14.04
N VAL A 267 -8.67 -3.17 -14.63
CA VAL A 267 -9.42 -4.40 -14.52
C VAL A 267 -9.23 -5.10 -13.17
N GLU A 268 -10.21 -5.92 -12.80
CA GLU A 268 -10.19 -6.70 -11.57
C GLU A 268 -10.49 -8.16 -11.92
N PRO A 269 -9.58 -9.10 -11.60
CA PRO A 269 -9.75 -10.53 -11.90
C PRO A 269 -10.74 -11.23 -10.98
N PRO A 270 -11.27 -12.40 -11.43
CA PRO A 270 -12.19 -13.37 -10.76
C PRO A 270 -12.00 -13.69 -9.26
N PRO A 271 -12.83 -14.60 -8.73
CA PRO A 271 -13.67 -14.36 -7.58
C PRO A 271 -13.96 -12.88 -7.32
N GLN A 272 -13.05 -12.17 -6.66
CA GLN A 272 -13.42 -10.89 -6.09
C GLN A 272 -12.26 -9.91 -6.00
N GLY A 273 -11.47 -9.88 -7.06
CA GLY A 273 -10.48 -8.82 -7.20
C GLY A 273 -9.07 -9.14 -6.72
N CYS A 274 -8.21 -8.14 -6.87
CA CYS A 274 -6.85 -8.17 -6.32
C CYS A 274 -6.45 -6.78 -5.83
N GLN A 275 -5.80 -6.76 -4.68
CA GLN A 275 -5.09 -5.60 -4.25
C GLN A 275 -4.09 -5.15 -5.36
N GLY A 276 -3.95 -3.82 -5.47
CA GLY A 276 -2.95 -3.20 -6.29
C GLY A 276 -2.61 -1.91 -5.60
N SER A 277 -1.73 -1.13 -6.21
CA SER A 277 -0.98 -0.07 -5.52
C SER A 277 -1.09 1.20 -6.33
N VAL A 278 -1.08 2.33 -5.65
CA VAL A 278 -1.08 3.61 -6.35
C VAL A 278 -0.10 4.57 -5.67
N ILE A 279 0.69 5.27 -6.48
CA ILE A 279 1.52 6.35 -5.95
C ILE A 279 1.37 7.59 -6.81
N SER A 280 1.75 8.73 -6.24
CA SER A 280 1.99 9.93 -7.04
C SER A 280 3.50 10.24 -7.11
N PHE A 281 3.87 10.95 -8.15
CA PHE A 281 5.23 11.40 -8.34
C PHE A 281 5.18 12.73 -9.10
N PRO A 282 6.30 13.48 -9.08
CA PRO A 282 6.37 14.76 -9.79
C PRO A 282 6.20 14.66 -11.30
N SER A 283 5.34 15.51 -11.87
CA SER A 283 5.16 15.63 -13.32
C SER A 283 6.45 16.14 -13.98
N PRO A 284 6.87 15.50 -15.09
CA PRO A 284 8.10 15.90 -15.78
C PRO A 284 8.06 17.35 -16.22
N ARG A 285 6.87 17.82 -16.63
CA ARG A 285 6.60 19.25 -16.89
C ARG A 285 6.96 20.13 -15.69
N ALA A 292 1.05 19.13 -11.54
CA ALA A 292 2.23 19.03 -10.67
C ALA A 292 2.63 17.57 -10.40
N GLN A 293 1.63 16.67 -10.40
CA GLN A 293 1.88 15.24 -10.17
C GLN A 293 1.15 14.35 -11.12
N TRP A 294 1.71 13.16 -11.30
CA TRP A 294 1.12 12.10 -12.09
C TRP A 294 0.94 10.92 -11.16
N LEU A 295 0.06 9.98 -11.53
CA LEU A 295 -0.11 8.76 -10.73
C LEU A 295 0.48 7.58 -11.46
N LEU A 296 1.07 6.68 -10.69
CA LEU A 296 1.48 5.36 -11.19
C LEU A 296 0.71 4.30 -10.41
N TYR A 297 0.18 3.31 -11.10
CA TYR A 297 -0.58 2.26 -10.41
C TYR A 297 -0.08 0.87 -10.89
N THR A 298 0.11 -0.08 -9.98
CA THR A 298 0.37 -1.46 -10.40
C THR A 298 -0.77 -2.41 -9.98
N HIS A 299 -0.98 -3.48 -10.75
CA HIS A 299 -2.06 -4.48 -10.52
C HIS A 299 -1.91 -5.56 -11.58
N PRO A 300 -2.29 -6.83 -11.27
CA PRO A 300 -2.32 -7.84 -12.37
C PRO A 300 -3.27 -7.41 -13.49
N THR A 301 -2.96 -7.79 -14.73
CA THR A 301 -3.72 -7.28 -15.87
C THR A 301 -4.60 -8.26 -16.66
N HIS A 302 -4.46 -9.55 -16.45
CA HIS A 302 -5.46 -10.48 -16.99
C HIS A 302 -6.83 -10.37 -16.28
N SER A 303 -7.89 -10.13 -17.06
CA SER A 303 -9.24 -10.04 -16.48
C SER A 303 -9.71 -11.40 -15.93
N TRP A 304 -8.97 -12.46 -16.28
CA TRP A 304 -9.32 -13.85 -15.99
C TRP A 304 -8.64 -14.42 -14.74
N GLN A 305 -7.50 -13.86 -14.35
CA GLN A 305 -6.66 -14.45 -13.30
C GLN A 305 -5.65 -13.47 -12.71
N ARG A 306 -5.02 -13.85 -11.59
CA ARG A 306 -4.00 -13.01 -11.00
C ARG A 306 -2.69 -13.21 -11.74
N ALA A 307 -2.63 -12.67 -12.94
CA ALA A 307 -1.40 -12.77 -13.70
C ALA A 307 -1.08 -11.49 -14.45
N ASP A 308 0.22 -11.33 -14.71
CA ASP A 308 0.77 -10.33 -15.60
C ASP A 308 0.71 -8.93 -15.01
N LEU A 309 1.57 -8.71 -14.01
CA LEU A 309 1.73 -7.37 -13.40
C LEU A 309 1.99 -6.30 -14.47
N GLY A 310 1.06 -5.34 -14.51
CA GLY A 310 1.14 -4.18 -15.39
C GLY A 310 1.27 -2.89 -14.61
N ALA A 311 1.85 -1.89 -15.27
CA ALA A 311 1.92 -0.54 -14.72
C ALA A 311 0.95 0.37 -15.51
N TYR A 312 0.26 1.28 -14.84
CA TYR A 312 -0.58 2.21 -15.55
C TYR A 312 -0.21 3.59 -15.09
N LEU A 313 -0.32 4.55 -15.99
CA LEU A 313 0.02 5.93 -15.74
C LEU A 313 -1.28 6.74 -15.77
N ASN A 314 -1.49 7.60 -14.76
CA ASN A 314 -2.50 8.66 -14.92
C ASN A 314 -1.81 10.01 -15.00
N PRO A 315 -1.68 10.55 -16.23
CA PRO A 315 -1.00 11.82 -16.44
C PRO A 315 -1.91 13.06 -16.26
N ARG A 316 -3.23 12.89 -16.21
CA ARG A 316 -4.11 14.04 -15.94
C ARG A 316 -4.95 13.77 -14.69
N PRO A 317 -4.27 13.42 -13.58
CA PRO A 317 -4.96 12.85 -12.46
C PRO A 317 -5.85 13.90 -11.78
N PRO A 318 -6.92 13.44 -11.10
CA PRO A 318 -7.32 12.04 -10.95
C PRO A 318 -8.35 11.56 -11.99
N ALA A 319 -8.56 12.30 -13.08
CA ALA A 319 -9.51 11.89 -14.14
C ALA A 319 -9.49 10.38 -14.44
N PRO A 320 -10.63 9.69 -14.21
CA PRO A 320 -10.71 8.22 -14.39
C PRO A 320 -10.43 7.80 -15.83
N GLU A 321 -10.91 8.59 -16.79
CA GLU A 321 -10.65 8.33 -18.22
C GLU A 321 -9.21 8.60 -18.64
N ALA A 322 -8.39 9.23 -17.79
CA ALA A 322 -7.01 9.51 -18.21
C ALA A 322 -6.09 8.32 -17.94
N TRP A 323 -6.61 7.32 -17.23
CA TRP A 323 -5.80 6.12 -16.98
C TRP A 323 -5.34 5.48 -18.28
N SER A 324 -4.07 5.06 -18.29
CA SER A 324 -3.50 4.54 -19.51
C SER A 324 -3.79 3.06 -19.65
N GLU A 325 -3.55 2.56 -20.85
CA GLU A 325 -3.28 1.15 -21.09
C GLU A 325 -2.15 0.66 -20.20
N PRO A 326 -2.22 -0.60 -19.75
CA PRO A 326 -1.11 -1.07 -18.90
C PRO A 326 0.11 -1.32 -19.72
N VAL A 327 1.31 -1.15 -19.18
CA VAL A 327 2.49 -1.81 -19.78
C VAL A 327 2.92 -3.00 -18.89
N LEU A 328 3.55 -4.00 -19.50
CA LEU A 328 3.85 -5.22 -18.84
C LEU A 328 5.14 -5.16 -18.09
N LEU A 329 5.08 -5.38 -16.78
CA LEU A 329 6.27 -5.37 -15.91
C LEU A 329 6.83 -6.75 -15.62
N ALA A 330 5.91 -7.67 -15.32
CA ALA A 330 6.22 -9.09 -15.08
C ALA A 330 5.19 -10.05 -15.70
N LYS A 331 5.74 -11.03 -16.41
CA LYS A 331 5.00 -12.12 -16.97
C LYS A 331 4.60 -13.11 -15.87
N GLY A 332 3.52 -13.85 -16.13
CA GLY A 332 3.15 -14.97 -15.29
C GLY A 332 2.35 -14.55 -14.09
N SER A 333 2.44 -15.40 -13.07
CA SER A 333 1.59 -15.32 -11.90
C SER A 333 2.07 -14.25 -10.90
N CYS A 334 1.25 -13.23 -10.70
N CYS A 334 1.22 -13.27 -10.62
CA CYS A 334 1.54 -12.09 -9.83
CA CYS A 334 1.58 -12.16 -9.76
C CYS A 334 0.30 -11.74 -9.04
C CYS A 334 0.34 -11.61 -9.09
N ALA A 335 0.45 -11.24 -7.82
CA ALA A 335 -0.70 -10.77 -7.04
C ALA A 335 -0.49 -9.38 -6.41
N TYR A 336 -0.54 -9.29 -5.08
CA TYR A 336 -0.44 -8.02 -4.39
C TYR A 336 0.84 -7.30 -4.77
N SER A 337 0.76 -5.96 -4.79
CA SER A 337 1.93 -5.12 -5.02
C SER A 337 2.04 -3.91 -4.10
N ASP A 338 3.19 -3.26 -4.15
CA ASP A 338 3.37 -1.98 -3.43
C ASP A 338 4.39 -1.15 -4.15
N LEU A 339 3.98 0.09 -4.43
CA LEU A 339 4.83 1.01 -5.15
C LEU A 339 5.49 2.02 -4.23
N GLN A 340 6.74 2.38 -4.57
CA GLN A 340 7.35 3.60 -4.05
C GLN A 340 8.02 4.40 -5.15
N SER A 341 7.80 5.71 -5.08
CA SER A 341 8.57 6.70 -5.83
C SER A 341 9.94 6.79 -5.19
N MET A 342 11.02 6.72 -5.97
CA MET A 342 12.39 6.73 -5.38
C MET A 342 13.24 7.93 -5.80
N GLY A 343 12.61 9.06 -6.16
CA GLY A 343 13.38 10.19 -6.68
C GLY A 343 13.69 9.99 -8.15
N THR A 344 14.86 10.48 -8.58
CA THR A 344 15.30 10.56 -9.99
C THR A 344 16.16 9.36 -10.35
N GLY A 345 15.81 8.68 -11.44
CA GLY A 345 16.50 7.48 -11.93
C GLY A 345 17.77 7.82 -12.69
N PRO A 346 18.67 6.84 -12.88
CA PRO A 346 19.95 7.21 -13.50
C PRO A 346 19.82 7.85 -14.87
N ASP A 347 18.64 7.75 -15.48
CA ASP A 347 18.43 8.24 -16.85
C ASP A 347 17.66 9.54 -16.81
N GLY A 348 17.45 10.05 -15.61
CA GLY A 348 16.94 11.38 -15.44
C GLY A 348 15.47 11.47 -15.18
N SER A 349 14.77 10.35 -15.34
CA SER A 349 13.33 10.31 -15.18
C SER A 349 12.94 9.75 -13.81
N PRO A 350 11.70 10.00 -13.39
CA PRO A 350 11.25 9.38 -12.15
C PRO A 350 11.64 7.87 -12.02
N LEU A 351 12.27 7.55 -10.89
CA LEU A 351 12.62 6.18 -10.55
C LEU A 351 11.50 5.56 -9.68
N PHE A 352 11.15 4.31 -9.97
CA PHE A 352 10.18 3.56 -9.18
C PHE A 352 10.74 2.24 -8.72
N GLY A 353 10.34 1.89 -7.50
CA GLY A 353 10.67 0.62 -6.91
C GLY A 353 9.34 -0.03 -6.67
N CYS A 354 9.28 -1.35 -6.89
CA CYS A 354 8.04 -2.14 -6.75
C CYS A 354 8.27 -3.55 -6.19
N LEU A 355 7.34 -3.95 -5.33
CA LEU A 355 7.40 -5.18 -4.58
C LEU A 355 6.07 -5.88 -4.84
N TYR A 356 6.13 -7.13 -5.26
CA TYR A 356 4.91 -7.83 -5.56
C TYR A 356 5.05 -9.31 -5.27
N GLU A 357 3.91 -9.94 -4.98
CA GLU A 357 3.82 -11.39 -4.80
C GLU A 357 3.86 -12.11 -6.16
N ALA A 358 4.68 -13.18 -6.24
CA ALA A 358 4.87 -13.89 -7.53
C ALA A 358 4.96 -15.44 -7.45
N ASN A 359 4.82 -16.10 -8.59
CA ASN A 359 4.83 -17.58 -8.71
C ASN A 359 3.88 -18.29 -7.75
N ASP A 360 2.58 -18.06 -7.88
CA ASP A 360 1.64 -18.67 -6.94
C ASP A 360 2.18 -18.51 -5.49
N TYR A 361 2.48 -17.26 -5.12
CA TYR A 361 2.85 -16.87 -3.76
C TYR A 361 4.11 -17.57 -3.21
N GLU A 362 4.93 -18.12 -4.10
CA GLU A 362 6.19 -18.73 -3.67
C GLU A 362 7.26 -17.65 -3.43
N GLU A 363 6.99 -16.41 -3.84
CA GLU A 363 7.93 -15.32 -3.55
C GLU A 363 7.39 -13.89 -3.65
N ILE A 364 8.25 -12.96 -3.23
CA ILE A 364 8.00 -11.54 -3.36
C ILE A 364 9.22 -10.95 -4.05
N VAL A 365 8.93 -10.33 -5.18
CA VAL A 365 9.97 -9.86 -6.06
C VAL A 365 10.09 -8.36 -5.90
N PHE A 366 11.35 -7.89 -5.81
CA PHE A 366 11.61 -6.48 -6.00
C PHE A 366 11.99 -6.14 -7.43
N LEU A 367 11.28 -5.13 -7.94
CA LEU A 367 11.44 -4.57 -9.27
C LEU A 367 11.74 -3.05 -9.16
N MET A 368 12.72 -2.56 -9.92
CA MET A 368 13.10 -1.13 -9.98
C MET A 368 13.23 -0.72 -11.43
N PHE A 369 12.63 0.41 -11.77
CA PHE A 369 12.59 0.81 -13.17
C PHE A 369 12.23 2.30 -13.18
N THR A 370 12.34 2.93 -14.34
CA THR A 370 12.15 4.38 -14.43
C THR A 370 10.98 4.69 -15.31
N LEU A 371 10.50 5.94 -15.26
CA LEU A 371 9.41 6.36 -16.13
C LEU A 371 9.78 6.24 -17.60
N LYS A 372 11.03 6.54 -17.94
CA LYS A 372 11.49 6.49 -19.35
C LYS A 372 11.44 5.07 -19.90
N GLN A 373 11.83 4.11 -19.06
CA GLN A 373 11.79 2.69 -19.38
C GLN A 373 10.38 2.15 -19.66
N ALA A 374 9.42 2.54 -18.82
CA ALA A 374 8.02 2.06 -18.85
C ALA A 374 7.02 2.83 -19.75
N PHE A 375 7.17 4.15 -19.81
CA PHE A 375 6.31 5.00 -20.62
C PHE A 375 7.16 5.93 -21.49
N PRO A 376 7.99 5.34 -22.37
CA PRO A 376 8.94 6.15 -23.14
C PRO A 376 8.27 7.28 -23.90
N ALA A 377 6.99 7.11 -24.22
CA ALA A 377 6.23 8.06 -25.04
C ALA A 377 5.66 9.27 -24.28
N GLU A 378 5.79 9.30 -22.96
CA GLU A 378 5.31 10.45 -22.22
C GLU A 378 6.51 11.15 -21.64
N TYR A 379 7.54 11.28 -22.48
CA TYR A 379 8.85 11.84 -22.13
C TYR A 379 9.51 11.13 -20.94
N LEU A 380 10.50 11.78 -20.35
CA LEU A 380 11.31 11.19 -19.27
C LEU A 380 11.59 12.21 -18.16
#